data_7DU4
#
_entry.id   7DU4
#
_cell.length_a   74.610
_cell.length_b   74.610
_cell.length_c   104.354
_cell.angle_alpha   90.000
_cell.angle_beta   90.000
_cell.angle_gamma   120.000
#
_symmetry.space_group_name_H-M   'P 65'
#
loop_
_entity.id
_entity.type
_entity.pdbx_description
1 polymer 'Probable endoribonuclease MazF7'
2 polymer peptide
3 water water
#
loop_
_entity_poly.entity_id
_entity_poly.type
_entity_poly.pdbx_seq_one_letter_code
_entity_poly.pdbx_strand_id
1 'polypeptide(L)'
;GPELLAEPRRGDLWLVSLGAARAGEPGKHRPAVVVSVDELLTGIDDELVVVVPVSSSRSRTPLRPPVAPSEGVAADSVAV
CRGVRAVARARLVERLGALKPATMRAIENALTLILGLPTGPERGEAATHSPVRWTGGRDP
;
A,B
2 'polypeptide(L)' DEDREWEGTVGDGLG Q
#
# COMPACT_ATOMS: atom_id res chain seq x y z
N ALA A 6 5.67 -8.75 -20.33
CA ALA A 6 4.58 -7.90 -20.79
C ALA A 6 3.69 -7.50 -19.62
N GLU A 7 3.66 -8.33 -18.65
CA GLU A 7 2.89 -8.16 -17.43
C GLU A 7 3.79 -7.49 -16.40
N PRO A 8 3.28 -6.72 -15.46
CA PRO A 8 4.20 -6.05 -14.53
C PRO A 8 4.90 -7.05 -13.63
N ARG A 9 6.18 -6.84 -13.42
CA ARG A 9 6.99 -7.73 -12.60
C ARG A 9 7.53 -6.95 -11.42
N ARG A 10 7.71 -7.63 -10.28
CA ARG A 10 8.31 -6.99 -9.12
C ARG A 10 9.67 -6.45 -9.49
N GLY A 11 9.97 -5.23 -9.03
CA GLY A 11 11.17 -4.53 -9.44
C GLY A 11 11.04 -3.72 -10.71
N ASP A 12 9.97 -3.88 -11.48
CA ASP A 12 9.76 -3.09 -12.69
C ASP A 12 9.32 -1.67 -12.32
N LEU A 13 9.78 -0.69 -13.09
CA LEU A 13 9.21 0.64 -13.09
C LEU A 13 8.17 0.72 -14.20
N TRP A 14 6.92 1.07 -13.84
CA TRP A 14 5.82 1.24 -14.76
C TRP A 14 5.21 2.64 -14.68
N LEU A 15 4.69 3.09 -15.80
CA LEU A 15 3.86 4.29 -15.86
C LEU A 15 2.43 3.93 -15.46
N VAL A 16 1.86 4.69 -14.53
CA VAL A 16 0.57 4.41 -13.92
C VAL A 16 -0.39 5.53 -14.24
N SER A 17 -1.57 5.16 -14.74
CA SER A 17 -2.62 6.11 -15.08
C SER A 17 -3.41 6.45 -13.83
N LEU A 18 -3.43 7.74 -13.47
CA LEU A 18 -4.01 8.17 -12.20
C LEU A 18 -5.41 8.74 -12.33
N GLY A 19 -5.99 8.73 -13.53
CA GLY A 19 -7.37 9.14 -13.71
C GLY A 19 -7.74 10.53 -13.23
N GLY A 27 -6.39 13.23 -16.88
CA GLY A 27 -5.70 12.15 -16.21
C GLY A 27 -4.19 12.20 -16.36
N LYS A 28 -3.50 12.24 -15.22
CA LYS A 28 -2.05 12.28 -15.25
C LYS A 28 -1.48 10.85 -15.25
N HIS A 29 -0.20 10.75 -15.58
CA HIS A 29 0.50 9.48 -15.52
C HIS A 29 1.78 9.70 -14.74
N ARG A 30 2.11 8.75 -13.88
CA ARG A 30 3.33 8.89 -13.08
C ARG A 30 3.97 7.53 -12.94
N PRO A 31 5.30 7.48 -12.86
CA PRO A 31 5.97 6.20 -12.61
C PRO A 31 5.77 5.69 -11.19
N ALA A 32 5.91 4.38 -11.06
CA ALA A 32 5.83 3.67 -9.79
C ALA A 32 6.58 2.35 -9.94
N VAL A 33 7.12 1.86 -8.82
CA VAL A 33 7.81 0.56 -8.74
C VAL A 33 6.82 -0.51 -8.32
N VAL A 34 6.81 -1.64 -9.04
CA VAL A 34 6.02 -2.78 -8.62
C VAL A 34 6.73 -3.45 -7.45
N VAL A 35 6.04 -3.59 -6.32
CA VAL A 35 6.64 -4.21 -5.15
C VAL A 35 5.93 -5.48 -4.72
N SER A 36 4.70 -5.74 -5.15
CA SER A 36 4.08 -7.02 -4.83
C SER A 36 4.75 -8.14 -5.64
N VAL A 37 4.61 -9.40 -5.15
CA VAL A 37 5.36 -10.52 -5.70
C VAL A 37 4.68 -11.07 -6.95
N ASP A 38 5.51 -11.62 -7.84
CA ASP A 38 5.04 -12.06 -9.15
C ASP A 38 4.03 -13.19 -9.06
N GLU A 39 4.11 -14.01 -8.02
CA GLU A 39 3.21 -15.15 -7.87
C GLU A 39 1.75 -14.75 -7.65
N LEU A 40 1.46 -13.49 -7.35
CA LEU A 40 0.08 -13.06 -7.13
C LEU A 40 -0.68 -12.76 -8.42
N LEU A 41 0.02 -12.56 -9.53
CA LEU A 41 -0.62 -12.12 -10.77
C LEU A 41 -1.35 -13.27 -11.47
N THR A 42 -2.65 -13.10 -11.67
CA THR A 42 -3.45 -14.06 -12.43
C THR A 42 -3.70 -13.60 -13.85
N GLY A 43 -3.33 -12.37 -14.19
CA GLY A 43 -3.49 -11.85 -15.54
C GLY A 43 -4.85 -11.28 -15.89
N ILE A 44 -5.65 -10.90 -14.90
CA ILE A 44 -6.89 -10.15 -15.16
C ILE A 44 -6.68 -8.66 -14.92
N ASP A 45 -7.49 -7.85 -15.62
CA ASP A 45 -7.33 -6.39 -15.61
C ASP A 45 -7.61 -5.79 -14.24
N ASP A 46 -8.57 -6.35 -13.50
CA ASP A 46 -9.03 -5.79 -12.24
C ASP A 46 -8.30 -6.35 -11.00
N GLU A 47 -7.16 -7.00 -11.15
CA GLU A 47 -6.44 -7.45 -9.98
C GLU A 47 -5.55 -6.33 -9.46
N LEU A 48 -5.28 -6.37 -8.16
CA LEU A 48 -4.56 -5.31 -7.50
C LEU A 48 -3.06 -5.62 -7.57
N VAL A 49 -2.28 -4.62 -7.98
CA VAL A 49 -0.82 -4.66 -7.95
C VAL A 49 -0.37 -3.62 -6.95
N VAL A 50 0.56 -3.99 -6.07
CA VAL A 50 1.07 -3.05 -5.07
C VAL A 50 2.26 -2.33 -5.68
N VAL A 51 2.20 -1.00 -5.70
CA VAL A 51 3.24 -0.17 -6.30
C VAL A 51 3.65 0.92 -5.33
N VAL A 52 4.87 1.40 -5.49
CA VAL A 52 5.44 2.51 -4.74
C VAL A 52 5.60 3.68 -5.71
N PRO A 53 4.90 4.79 -5.51
CA PRO A 53 5.03 5.93 -6.44
C PRO A 53 6.45 6.45 -6.46
N VAL A 54 6.88 6.90 -7.64
CA VAL A 54 8.18 7.50 -7.85
C VAL A 54 7.99 8.96 -8.26
N SER A 55 8.71 9.86 -7.60
CA SER A 55 8.56 11.28 -7.85
C SER A 55 9.91 11.89 -8.22
N SER A 56 9.89 12.81 -9.17
CA SER A 56 11.09 13.57 -9.51
C SER A 56 11.08 14.95 -8.86
N SER A 57 10.16 15.18 -7.92
CA SER A 57 10.04 16.46 -7.25
C SER A 57 10.28 16.40 -5.74
N ARG A 58 10.43 15.22 -5.15
CA ARG A 58 10.64 15.18 -3.71
C ARG A 58 12.10 14.85 -3.40
N SER A 59 12.58 15.39 -2.29
CA SER A 59 13.95 15.19 -1.85
C SER A 59 14.16 13.76 -1.38
N ARG A 60 15.40 13.27 -1.51
CA ARG A 60 15.71 11.94 -1.01
C ARG A 60 15.79 11.94 0.52
N THR A 61 15.31 10.86 1.11
CA THR A 61 15.41 10.58 2.54
C THR A 61 15.57 9.07 2.67
N PRO A 62 15.82 8.57 3.89
CA PRO A 62 15.87 7.11 4.05
C PRO A 62 14.57 6.38 3.67
N LEU A 63 13.43 7.04 3.77
CA LEU A 63 12.18 6.43 3.33
C LEU A 63 11.84 6.77 1.89
N ARG A 64 12.66 7.62 1.25
CA ARG A 64 12.51 7.95 -0.18
C ARG A 64 13.84 7.70 -0.87
N PRO A 65 14.22 6.44 -1.08
CA PRO A 65 15.52 6.15 -1.68
C PRO A 65 15.54 6.59 -3.14
N PRO A 66 16.71 6.96 -3.66
CA PRO A 66 16.75 7.55 -5.01
C PRO A 66 16.61 6.50 -6.10
N VAL A 67 16.08 6.96 -7.24
CA VAL A 67 15.88 6.15 -8.44
C VAL A 67 16.50 6.89 -9.62
N ALA A 68 17.43 6.23 -10.33
CA ALA A 68 18.24 6.80 -11.42
C ALA A 68 17.60 6.59 -12.79
N PRO A 69 17.91 7.47 -13.76
CA PRO A 69 17.37 7.30 -15.12
C PRO A 69 17.66 5.94 -15.76
N SER A 70 18.82 5.34 -15.46
CA SER A 70 19.08 3.94 -15.83
C SER A 70 17.97 2.98 -15.41
N GLU A 71 17.23 3.30 -14.36
CA GLU A 71 16.16 2.43 -13.88
C GLU A 71 14.81 2.74 -14.52
N GLY A 72 14.75 3.73 -15.41
CA GLY A 72 13.56 3.97 -16.21
C GLY A 72 12.94 5.34 -16.04
N VAL A 73 13.40 6.18 -15.11
CA VAL A 73 12.77 7.50 -14.98
C VAL A 73 13.51 8.43 -15.93
N ALA A 74 12.92 9.60 -16.20
CA ALA A 74 13.54 10.56 -17.10
C ALA A 74 14.50 11.51 -16.38
N ALA A 75 14.32 11.69 -15.08
CA ALA A 75 15.16 12.55 -14.26
C ALA A 75 15.34 11.91 -12.90
N ASP A 76 16.43 12.27 -12.21
CA ASP A 76 16.69 11.81 -10.84
C ASP A 76 15.42 11.89 -10.00
N SER A 77 15.05 10.76 -9.40
CA SER A 77 13.77 10.58 -8.72
C SER A 77 13.94 9.83 -7.41
N VAL A 78 12.87 9.80 -6.61
CA VAL A 78 12.85 9.03 -5.36
C VAL A 78 11.59 8.16 -5.32
N ALA A 79 11.71 7.01 -4.68
CA ALA A 79 10.57 6.11 -4.43
C ALA A 79 9.88 6.49 -3.12
N VAL A 80 8.62 6.92 -3.22
CA VAL A 80 7.89 7.40 -2.03
C VAL A 80 7.24 6.20 -1.36
N CYS A 81 8.02 5.52 -0.50
CA CYS A 81 7.57 4.25 0.07
C CYS A 81 6.41 4.43 1.04
N ARG A 82 6.28 5.60 1.63
CA ARG A 82 5.12 5.89 2.46
C ARG A 82 3.83 6.00 1.66
N GLY A 83 3.93 6.23 0.35
CA GLY A 83 2.80 6.27 -0.54
C GLY A 83 2.44 4.95 -1.19
N VAL A 84 3.00 3.84 -0.70
CA VAL A 84 2.69 2.49 -1.18
C VAL A 84 1.19 2.32 -1.35
N ARG A 85 0.77 1.80 -2.51
CA ARG A 85 -0.66 1.62 -2.77
C ARG A 85 -0.91 0.42 -3.68
N ALA A 86 -1.97 -0.30 -3.38
CA ALA A 86 -2.48 -1.28 -4.33
C ALA A 86 -3.33 -0.53 -5.34
N VAL A 87 -3.12 -0.78 -6.63
CA VAL A 87 -3.90 -0.17 -7.69
C VAL A 87 -4.31 -1.25 -8.68
N ALA A 88 -5.39 -0.98 -9.41
CA ALA A 88 -5.81 -1.91 -10.45
C ALA A 88 -4.73 -2.08 -11.50
N ARG A 89 -4.52 -3.34 -11.91
CA ARG A 89 -3.55 -3.64 -12.96
C ARG A 89 -3.80 -2.85 -14.22
N ALA A 90 -5.07 -2.56 -14.54
CA ALA A 90 -5.37 -1.80 -15.75
C ALA A 90 -4.75 -0.41 -15.74
N ARG A 91 -4.44 0.16 -14.56
CA ARG A 91 -3.76 1.45 -14.52
C ARG A 91 -2.32 1.37 -14.97
N LEU A 92 -1.70 0.19 -15.01
CA LEU A 92 -0.29 0.09 -15.38
C LEU A 92 -0.20 0.02 -16.91
N VAL A 93 0.12 1.15 -17.55
CA VAL A 93 -0.09 1.24 -18.99
C VAL A 93 1.19 1.04 -19.80
N GLU A 94 2.36 1.20 -19.18
CA GLU A 94 3.60 1.04 -19.93
C GLU A 94 4.76 0.73 -18.98
N ARG A 95 5.56 -0.26 -19.35
CA ARG A 95 6.77 -0.56 -18.61
C ARG A 95 7.85 0.45 -18.97
N LEU A 96 8.48 1.04 -17.96
CA LEU A 96 9.52 2.05 -18.21
C LEU A 96 10.92 1.52 -18.02
N GLY A 97 11.10 0.55 -17.14
CA GLY A 97 12.44 0.02 -16.92
C GLY A 97 12.44 -0.92 -15.73
N ALA A 98 13.62 -1.06 -15.12
CA ALA A 98 13.75 -1.98 -13.99
C ALA A 98 14.80 -1.44 -13.03
N LEU A 99 14.56 -1.65 -11.74
CA LEU A 99 15.44 -1.11 -10.70
C LEU A 99 16.67 -1.99 -10.48
N LYS A 100 17.75 -1.35 -10.04
CA LYS A 100 18.91 -2.09 -9.55
C LYS A 100 18.56 -2.86 -8.28
N PRO A 101 19.21 -4.00 -8.03
CA PRO A 101 18.98 -4.74 -6.79
C PRO A 101 19.17 -3.92 -5.52
N ALA A 102 20.14 -2.99 -5.51
CA ALA A 102 20.36 -2.17 -4.34
C ALA A 102 19.20 -1.21 -4.12
N THR A 103 18.63 -0.66 -5.21
CA THR A 103 17.46 0.20 -5.07
C THR A 103 16.29 -0.57 -4.47
N MET A 104 16.10 -1.82 -4.92
CA MET A 104 15.01 -2.63 -4.39
C MET A 104 15.25 -2.95 -2.93
N ARG A 105 16.50 -3.18 -2.53
CA ARG A 105 16.78 -3.44 -1.12
C ARG A 105 16.51 -2.21 -0.26
N ALA A 106 16.88 -1.02 -0.74
CA ALA A 106 16.54 0.20 -0.01
C ALA A 106 15.03 0.38 0.11
N ILE A 107 14.29 0.00 -0.93
CA ILE A 107 12.83 0.13 -0.88
C ILE A 107 12.24 -0.87 0.11
N GLU A 108 12.75 -2.10 0.09
CA GLU A 108 12.33 -3.11 1.04
C GLU A 108 12.61 -2.69 2.48
N ASN A 109 13.74 -2.02 2.70
CA ASN A 109 14.08 -1.56 4.04
C ASN A 109 13.13 -0.45 4.48
N ALA A 110 12.89 0.54 3.61
CA ALA A 110 11.92 1.58 3.91
C ALA A 110 10.55 0.99 4.23
N LEU A 111 10.08 0.03 3.43
CA LEU A 111 8.76 -0.56 3.66
C LEU A 111 8.74 -1.37 4.95
N THR A 112 9.85 -2.03 5.28
CA THR A 112 9.95 -2.75 6.55
C THR A 112 9.81 -1.79 7.73
N LEU A 113 10.47 -0.64 7.64
CA LEU A 113 10.33 0.39 8.68
C LEU A 113 8.91 0.93 8.77
N ILE A 114 8.36 1.36 7.63
CA ILE A 114 7.07 2.02 7.61
C ILE A 114 5.99 1.12 8.21
N LEU A 115 6.05 -0.17 7.91
CA LEU A 115 5.00 -1.09 8.31
C LEU A 115 5.33 -1.84 9.61
N GLY A 116 6.43 -1.50 10.27
CA GLY A 116 6.81 -2.13 11.52
C GLY A 116 6.96 -3.64 11.46
N LEU A 117 7.58 -4.15 10.41
CA LEU A 117 7.79 -5.58 10.24
C LEU A 117 9.17 -6.01 10.71
N PRO A 118 9.34 -7.29 11.08
CA PRO A 118 10.65 -7.90 11.41
C PRO A 118 11.77 -7.47 10.45
N ALA B 6 -1.00 12.80 14.88
CA ALA B 6 -2.39 12.40 14.74
C ALA B 6 -2.73 11.25 15.69
N GLU B 7 -4.01 10.93 15.77
CA GLU B 7 -4.54 9.97 16.73
C GLU B 7 -4.63 8.52 16.25
N PRO B 8 -4.69 8.21 14.96
CA PRO B 8 -4.82 6.79 14.60
C PRO B 8 -3.52 6.06 14.94
N ARG B 9 -3.65 4.89 15.57
CA ARG B 9 -2.49 4.15 16.01
C ARG B 9 -2.45 2.81 15.28
N ARG B 10 -1.25 2.31 15.06
CA ARG B 10 -1.09 1.01 14.42
C ARG B 10 -1.87 -0.04 15.20
N GLY B 11 -2.56 -0.91 14.47
CA GLY B 11 -3.49 -1.84 15.09
C GLY B 11 -4.90 -1.34 15.27
N ASP B 12 -5.16 -0.05 15.08
CA ASP B 12 -6.52 0.47 15.18
C ASP B 12 -7.34 0.08 13.97
N LEU B 13 -8.64 -0.13 14.18
CA LEU B 13 -9.66 -0.14 13.14
C LEU B 13 -10.24 1.26 13.05
N TRP B 14 -10.16 1.85 11.86
CA TRP B 14 -10.76 3.14 11.56
C TRP B 14 -11.69 2.97 10.36
N LEU B 15 -12.74 3.79 10.32
CA LEU B 15 -13.56 3.92 9.13
C LEU B 15 -12.89 4.86 8.13
N VAL B 16 -12.75 4.43 6.88
CA VAL B 16 -12.06 5.20 5.86
C VAL B 16 -13.06 5.65 4.81
N SER B 17 -13.09 6.96 4.54
CA SER B 17 -13.92 7.56 3.50
C SER B 17 -13.18 7.48 2.17
N LEU B 18 -13.77 6.78 1.20
CA LEU B 18 -13.10 6.49 -0.07
C LEU B 18 -13.60 7.31 -1.25
N GLY B 19 -14.54 8.23 -1.03
CA GLY B 19 -14.96 9.13 -2.09
C GLY B 19 -15.46 8.49 -3.38
N GLY B 27 -20.28 8.65 -2.15
CA GLY B 27 -19.20 8.35 -1.24
C GLY B 27 -19.31 6.99 -0.57
N LYS B 28 -18.28 6.16 -0.73
CA LYS B 28 -18.20 4.87 -0.06
C LYS B 28 -17.30 4.95 1.17
N HIS B 29 -17.46 3.96 2.06
CA HIS B 29 -16.67 3.87 3.27
C HIS B 29 -16.36 2.41 3.57
N ARG B 30 -15.20 2.17 4.16
CA ARG B 30 -14.85 0.82 4.57
C ARG B 30 -14.02 0.90 5.85
N PRO B 31 -14.16 -0.08 6.73
CA PRO B 31 -13.19 -0.21 7.83
C PRO B 31 -11.84 -0.57 7.26
N ALA B 32 -10.80 -0.25 8.02
CA ALA B 32 -9.45 -0.60 7.63
C ALA B 32 -8.57 -0.63 8.87
N VAL B 33 -7.53 -1.46 8.81
CA VAL B 33 -6.54 -1.60 9.87
C VAL B 33 -5.38 -0.65 9.59
N VAL B 34 -4.98 0.14 10.59
CA VAL B 34 -3.78 0.97 10.45
C VAL B 34 -2.55 0.08 10.60
N VAL B 35 -1.68 0.07 9.57
CA VAL B 35 -0.49 -0.77 9.60
C VAL B 35 0.82 0.01 9.61
N SER B 36 0.83 1.29 9.25
CA SER B 36 2.05 2.09 9.38
C SER B 36 2.34 2.42 10.85
N VAL B 37 3.62 2.73 11.14
CA VAL B 37 4.07 2.88 12.54
C VAL B 37 3.74 4.26 13.07
N ASP B 38 3.55 4.31 14.40
CA ASP B 38 3.07 5.53 15.06
C ASP B 38 4.06 6.68 14.96
N GLU B 39 5.36 6.41 14.89
CA GLU B 39 6.37 7.47 14.83
C GLU B 39 6.32 8.27 13.53
N LEU B 40 5.60 7.80 12.51
CA LEU B 40 5.50 8.58 11.28
C LEU B 40 4.50 9.72 11.41
N LEU B 41 3.65 9.69 12.43
CA LEU B 41 2.58 10.66 12.55
C LEU B 41 3.13 11.99 13.06
N THR B 42 2.98 13.02 12.26
CA THR B 42 3.39 14.36 12.61
C THR B 42 2.24 15.26 13.02
N GLY B 43 1.00 14.79 12.88
CA GLY B 43 -0.17 15.56 13.24
C GLY B 43 -0.69 16.51 12.19
N ILE B 44 -0.32 16.34 10.92
CA ILE B 44 -0.96 17.06 9.83
C ILE B 44 -2.03 16.17 9.20
N ASP B 45 -3.10 16.80 8.72
CA ASP B 45 -4.23 16.07 8.18
C ASP B 45 -3.91 15.40 6.84
N ASP B 46 -3.07 16.00 6.01
CA ASP B 46 -2.80 15.39 4.71
C ASP B 46 -1.60 14.44 4.73
N GLU B 47 -1.10 14.05 5.88
CA GLU B 47 0.00 13.09 5.87
C GLU B 47 -0.55 11.68 5.69
N LEU B 48 0.27 10.81 5.13
CA LEU B 48 -0.21 9.51 4.68
C LEU B 48 -0.12 8.48 5.79
N VAL B 49 -1.20 7.74 5.97
CA VAL B 49 -1.29 6.60 6.87
C VAL B 49 -1.53 5.36 6.00
N VAL B 50 -0.82 4.27 6.28
CA VAL B 50 -0.97 3.05 5.49
C VAL B 50 -1.97 2.14 6.17
N VAL B 51 -3.01 1.71 5.43
CA VAL B 51 -4.08 0.91 5.98
C VAL B 51 -4.32 -0.33 5.11
N VAL B 52 -4.92 -1.32 5.74
CA VAL B 52 -5.37 -2.55 5.09
C VAL B 52 -6.90 -2.55 5.14
N PRO B 53 -7.59 -2.45 4.01
CA PRO B 53 -9.06 -2.46 4.02
C PRO B 53 -9.64 -3.77 4.52
N VAL B 54 -10.79 -3.66 5.16
CA VAL B 54 -11.50 -4.81 5.72
C VAL B 54 -12.74 -5.04 4.87
N SER B 55 -13.00 -6.29 4.51
CA SER B 55 -14.11 -6.68 3.65
C SER B 55 -15.00 -7.70 4.36
N SER B 56 -16.32 -7.55 4.22
CA SER B 56 -17.27 -8.55 4.68
C SER B 56 -17.89 -9.33 3.53
N SER B 57 -17.38 -9.19 2.31
CA SER B 57 -17.94 -9.84 1.14
C SER B 57 -16.98 -10.83 0.50
N ARG B 58 -15.78 -10.98 1.03
CA ARG B 58 -14.80 -11.93 0.50
C ARG B 58 -14.47 -13.02 1.52
N SER B 59 -14.16 -14.20 1.01
CA SER B 59 -13.82 -15.35 1.84
C SER B 59 -12.45 -15.18 2.47
N ARG B 60 -12.25 -15.84 3.62
CA ARG B 60 -10.94 -15.85 4.24
C ARG B 60 -9.97 -16.71 3.41
N THR B 61 -8.72 -16.26 3.37
CA THR B 61 -7.61 -16.98 2.76
C THR B 61 -6.38 -16.68 3.61
N PRO B 62 -5.26 -17.33 3.36
CA PRO B 62 -4.04 -16.95 4.09
C PRO B 62 -3.64 -15.50 3.89
N LEU B 63 -4.01 -14.87 2.78
CA LEU B 63 -3.74 -13.45 2.57
C LEU B 63 -4.90 -12.56 2.97
N ARG B 64 -6.04 -13.14 3.38
CA ARG B 64 -7.19 -12.39 3.87
C ARG B 64 -7.61 -12.96 5.23
N PRO B 65 -6.81 -12.71 6.27
CA PRO B 65 -7.13 -13.28 7.58
C PRO B 65 -8.39 -12.67 8.18
N PRO B 66 -9.08 -13.40 9.05
CA PRO B 66 -10.33 -12.90 9.60
C PRO B 66 -10.10 -11.85 10.68
N VAL B 67 -11.10 -10.98 10.82
CA VAL B 67 -11.12 -9.95 11.85
C VAL B 67 -12.39 -10.15 12.65
N ALA B 68 -12.25 -10.24 14.02
CA ALA B 68 -13.43 -10.60 14.81
C ALA B 68 -14.26 -9.38 15.16
N PRO B 69 -15.57 -9.56 15.33
CA PRO B 69 -16.41 -8.43 15.75
C PRO B 69 -15.94 -7.80 17.04
N SER B 70 -15.35 -8.60 17.93
CA SER B 70 -14.62 -8.08 19.07
C SER B 70 -13.64 -6.95 18.70
N GLU B 71 -13.09 -6.98 17.48
CA GLU B 71 -12.14 -5.97 17.05
C GLU B 71 -12.81 -4.76 16.39
N GLY B 72 -14.13 -4.76 16.26
CA GLY B 72 -14.91 -3.59 15.83
C GLY B 72 -15.68 -3.74 14.53
N VAL B 73 -15.55 -4.83 13.78
CA VAL B 73 -16.19 -4.95 12.48
C VAL B 73 -17.33 -5.97 12.45
N ALA B 74 -17.96 -6.12 11.28
CA ALA B 74 -19.06 -7.03 11.11
C ALA B 74 -18.57 -8.48 11.10
N ALA B 75 -19.52 -9.39 11.27
CA ALA B 75 -19.20 -10.81 11.23
C ALA B 75 -18.59 -11.19 9.88
N ASP B 76 -17.72 -12.21 9.92
CA ASP B 76 -17.10 -12.76 8.72
C ASP B 76 -16.37 -11.70 7.90
N SER B 77 -15.65 -10.81 8.57
CA SER B 77 -14.88 -9.82 7.83
C SER B 77 -13.44 -10.28 7.78
N VAL B 78 -12.73 -9.86 6.73
CA VAL B 78 -11.35 -10.25 6.51
C VAL B 78 -10.54 -9.01 6.19
N ALA B 79 -9.25 -9.02 6.56
CA ALA B 79 -8.31 -7.97 6.22
C ALA B 79 -7.72 -8.27 4.85
N VAL B 80 -8.04 -7.42 3.86
CA VAL B 80 -7.59 -7.65 2.47
C VAL B 80 -6.20 -7.01 2.35
N CYS B 81 -5.17 -7.78 2.71
CA CYS B 81 -3.83 -7.23 2.81
C CYS B 81 -3.24 -6.92 1.44
N ARG B 82 -3.76 -7.57 0.40
CA ARG B 82 -3.35 -7.24 -0.95
C ARG B 82 -3.83 -5.88 -1.39
N GLY B 83 -4.85 -5.32 -0.73
CA GLY B 83 -5.36 -3.99 -0.95
C GLY B 83 -4.73 -2.90 -0.11
N VAL B 84 -3.62 -3.20 0.58
CA VAL B 84 -2.88 -2.23 1.37
C VAL B 84 -2.68 -0.92 0.60
N ARG B 85 -2.98 0.22 1.24
CA ARG B 85 -2.79 1.50 0.57
C ARG B 85 -2.57 2.62 1.57
N ALA B 86 -1.75 3.57 1.17
CA ALA B 86 -1.60 4.81 1.90
C ALA B 86 -2.76 5.74 1.58
N VAL B 87 -3.34 6.34 2.61
CA VAL B 87 -4.41 7.31 2.44
C VAL B 87 -4.11 8.51 3.32
N ALA B 88 -4.66 9.67 2.94
CA ALA B 88 -4.55 10.85 3.79
C ALA B 88 -5.22 10.59 5.14
N ARG B 89 -4.57 11.06 6.21
CA ARG B 89 -5.13 10.93 7.55
C ARG B 89 -6.54 11.49 7.63
N ALA B 90 -6.83 12.54 6.88
CA ALA B 90 -8.19 13.10 6.89
C ALA B 90 -9.24 12.10 6.43
N ARG B 91 -8.86 11.11 5.63
CA ARG B 91 -9.84 10.10 5.22
C ARG B 91 -10.25 9.16 6.34
N LEU B 92 -9.52 9.10 7.46
CA LEU B 92 -9.88 8.24 8.59
C LEU B 92 -10.84 9.02 9.48
N VAL B 93 -12.13 8.73 9.34
CA VAL B 93 -13.19 9.61 9.85
C VAL B 93 -13.80 9.14 11.16
N GLU B 94 -13.54 7.90 11.58
CA GLU B 94 -14.11 7.41 12.83
C GLU B 94 -13.25 6.26 13.36
N ARG B 95 -12.89 6.31 14.64
CA ARG B 95 -12.21 5.16 15.23
C ARG B 95 -13.23 4.09 15.57
N LEU B 96 -13.00 2.88 15.08
CA LEU B 96 -13.94 1.78 15.29
C LEU B 96 -13.49 0.79 16.34
N GLY B 97 -12.18 0.62 16.50
CA GLY B 97 -11.72 -0.36 17.48
C GLY B 97 -10.24 -0.65 17.35
N ALA B 98 -9.85 -1.85 17.77
CA ALA B 98 -8.45 -2.26 17.75
C ALA B 98 -8.36 -3.77 17.58
N LEU B 99 -7.31 -4.22 16.89
CA LEU B 99 -7.14 -5.64 16.61
C LEU B 99 -6.49 -6.36 17.78
N LYS B 100 -6.83 -7.64 17.93
CA LYS B 100 -6.10 -8.51 18.83
C LYS B 100 -4.68 -8.70 18.29
N PRO B 101 -3.69 -8.84 19.16
CA PRO B 101 -2.30 -8.99 18.66
C PRO B 101 -2.08 -10.15 17.67
N ALA B 102 -2.79 -11.28 17.80
CA ALA B 102 -2.62 -12.37 16.85
C ALA B 102 -3.14 -12.00 15.46
N THR B 103 -4.23 -11.24 15.39
CA THR B 103 -4.69 -10.75 14.10
C THR B 103 -3.64 -9.86 13.46
N MET B 104 -3.00 -9.01 14.27
CA MET B 104 -1.97 -8.13 13.73
C MET B 104 -0.80 -8.95 13.21
N ARG B 105 -0.47 -10.05 13.89
CA ARG B 105 0.60 -10.91 13.39
C ARG B 105 0.19 -11.62 12.09
N ALA B 106 -1.05 -12.07 11.97
CA ALA B 106 -1.49 -12.64 10.70
C ALA B 106 -1.39 -11.63 9.56
N ILE B 107 -1.72 -10.36 9.85
CA ILE B 107 -1.65 -9.34 8.82
C ILE B 107 -0.20 -9.05 8.46
N GLU B 108 0.67 -8.97 9.46
CA GLU B 108 2.08 -8.70 9.21
C GLU B 108 2.70 -9.80 8.37
N ASN B 109 2.29 -11.06 8.62
CA ASN B 109 2.80 -12.16 7.81
C ASN B 109 2.31 -12.07 6.37
N ALA B 110 1.01 -11.82 6.19
CA ALA B 110 0.46 -11.60 4.85
C ALA B 110 1.18 -10.48 4.10
N LEU B 111 1.43 -9.34 4.77
CA LEU B 111 2.09 -8.22 4.09
C LEU B 111 3.54 -8.56 3.77
N THR B 112 4.22 -9.30 4.65
CA THR B 112 5.59 -9.74 4.36
C THR B 112 5.62 -10.61 3.11
N LEU B 113 4.66 -11.53 2.99
CA LEU B 113 4.54 -12.36 1.79
C LEU B 113 4.24 -11.51 0.56
N ILE B 114 3.21 -10.67 0.64
CA ILE B 114 2.76 -9.90 -0.52
C ILE B 114 3.89 -9.03 -1.07
N LEU B 115 4.68 -8.43 -0.18
CA LEU B 115 5.68 -7.46 -0.60
C LEU B 115 7.07 -8.06 -0.78
N GLY B 116 7.21 -9.38 -0.66
CA GLY B 116 8.52 -10.00 -0.81
C GLY B 116 9.56 -9.50 0.15
N LEU B 117 9.18 -9.33 1.43
CA LEU B 117 10.20 -8.87 2.34
C LEU B 117 10.85 -10.08 3.00
N PRO B 118 12.12 -9.98 3.46
CA PRO B 118 12.93 -11.08 4.00
C PRO B 118 12.22 -12.20 4.77
N GLU C 5 -3.33 13.79 -6.10
CA GLU C 5 -2.50 13.37 -7.22
C GLU C 5 -2.71 11.88 -7.52
N TRP C 6 -2.28 11.05 -6.57
CA TRP C 6 -2.62 9.64 -6.56
C TRP C 6 -3.98 9.38 -5.91
N GLU C 7 -4.71 10.44 -5.57
CA GLU C 7 -5.92 10.32 -4.76
C GLU C 7 -7.00 9.50 -5.47
N GLY C 8 -7.08 9.62 -6.80
CA GLY C 8 -8.09 8.86 -7.54
C GLY C 8 -7.94 7.35 -7.47
N THR C 9 -6.78 6.86 -7.03
CA THR C 9 -6.59 5.42 -6.91
C THR C 9 -7.09 4.87 -5.58
N VAL C 10 -7.55 5.73 -4.66
CA VAL C 10 -7.85 5.33 -3.28
C VAL C 10 -8.94 4.26 -3.23
N GLY C 11 -9.81 4.18 -4.24
CA GLY C 11 -10.93 3.26 -4.22
C GLY C 11 -10.75 2.02 -5.05
N ASP C 12 -9.55 1.75 -5.58
CA ASP C 12 -9.33 0.62 -6.47
C ASP C 12 -9.57 -0.71 -5.75
N GLY C 13 -10.18 -1.67 -6.47
CA GLY C 13 -10.44 -3.00 -5.94
C GLY C 13 -11.27 -3.03 -4.66
N LEU C 14 -12.10 -2.00 -4.43
CA LEU C 14 -12.96 -1.93 -3.28
C LEU C 14 -14.35 -1.35 -3.59
#